data_6SC8
#
_entry.id   6SC8
#
_cell.length_a   65.919
_cell.length_b   87.770
_cell.length_c   241.831
_cell.angle_alpha   90.000
_cell.angle_beta   90.000
_cell.angle_gamma   90.000
#
_symmetry.space_group_name_H-M   'I 2 2 2'
#
loop_
_entity.id
_entity.type
_entity.pdbx_description
1 polymer 'E3 ubiquitin-protein ligase RNF31'
2 polymer 'Single domain antibody'
3 non-polymer '[2-(methylamino)-2-oxidanylidene-ethyl] (~{E})-4-[(2-oxidanylidene-5,6,7,8-tetrahydro-1~{H}-quinolin-3-yl)carbonylamino]but-2-enoate'
4 non-polymer 'ZINC ION'
5 non-polymer 'SULFATE ION'
6 non-polymer 'CHLORIDE ION'
7 water water
#
loop_
_entity_poly.entity_id
_entity_poly.type
_entity_poly.pdbx_seq_one_letter_code
_entity_poly.pdbx_strand_id
1 'polypeptide(L)'
;QECAVCGWALPHNRMQALTSCECTICPDCFRQHFTIALKEKHITDMVCPACGRPDLTDDTQLLSYFSTLDIQLRESLEPD
AYALFHKKLTEGVLMRDPKFLWCAQCSFGFIYEREQLEATCPQCHQTFCVRCKRQWEEQHRGRSCEDFQNWKRMNDPEYQ
AQGLAMYLQENGIDCPKCKFSYALARGGCMHFHCTQCRHQFCSGCYNAFYAKNKCPEPNCRVKKSLHGHHPRDCLFYLRD
WTALRLQKLLQDNNVMFNTEPPAGARAVPGGGCRVIEQKEVPNGLRDEACGKETPAGYAGLCQAHYKEYLVSLINAHSLD
PATLYEVEELETATERYLHVRPQPLAGEDPPAYQARLLQKLTEEVPLGQSIPRRRK
;
A
2 'polypeptide(L)'
;EVQLLESGGGLVQPGGSLRLSCAASGFTFRGYSMAWVRQAPGKGLEWVSTISPIGTYTYYADSVKGRFTISRDNSKNTLY
LQMNSLRAEDTAVYYCAKGSYSRGTPFDYWGQGTLVTVSS
;
B,C
#
loop_
_chem_comp.id
_chem_comp.type
_chem_comp.name
_chem_comp.formula
CL non-polymer 'CHLORIDE ION' 'Cl -1'
L6E non-polymer '[2-(methylamino)-2-oxidanylidene-ethyl] (~{E})-4-[(2-oxidanylidene-5,6,7,8-tetrahydro-1~{H}-quinolin-3-yl)carbonylamino]but-2-enoate' 'C17 H21 N3 O5'
SO4 non-polymer 'SULFATE ION' 'O4 S -2'
ZN non-polymer 'ZINC ION' 'Zn 2'
#
# COMPACT_ATOMS: atom_id res chain seq x y z
N GLN A 1 -29.45 -29.74 -21.43
CA GLN A 1 -30.31 -30.91 -21.59
C GLN A 1 -29.56 -32.20 -21.24
N GLU A 2 -28.46 -32.45 -21.94
CA GLU A 2 -27.67 -33.65 -21.69
C GLU A 2 -26.23 -33.39 -22.10
N CYS A 3 -25.34 -34.24 -21.60
CA CYS A 3 -23.92 -34.12 -21.90
C CYS A 3 -23.62 -34.57 -23.32
N ALA A 4 -22.85 -33.76 -24.05
CA ALA A 4 -22.58 -34.03 -25.47
C ALA A 4 -21.59 -35.17 -25.68
N VAL A 5 -21.01 -35.72 -24.63
CA VAL A 5 -20.07 -36.83 -24.75
C VAL A 5 -20.72 -38.16 -24.42
N CYS A 6 -21.35 -38.26 -23.24
CA CYS A 6 -21.90 -39.53 -22.77
C CYS A 6 -23.43 -39.57 -22.80
N GLY A 7 -24.10 -38.46 -23.10
CA GLY A 7 -25.54 -38.43 -23.21
C GLY A 7 -26.30 -38.31 -21.89
N TRP A 8 -25.61 -38.38 -20.75
CA TRP A 8 -26.24 -38.29 -19.45
C TRP A 8 -27.09 -37.02 -19.35
N ALA A 9 -28.37 -37.19 -19.00
CA ALA A 9 -29.34 -36.10 -19.01
C ALA A 9 -29.28 -35.38 -17.67
N LEU A 10 -28.63 -34.22 -17.64
CA LEU A 10 -28.52 -33.36 -16.47
C LEU A 10 -29.06 -31.97 -16.80
N PRO A 11 -29.49 -31.21 -15.80
CA PRO A 11 -29.83 -29.81 -16.04
C PRO A 11 -28.63 -29.03 -16.57
N HIS A 12 -28.91 -27.85 -17.14
CA HIS A 12 -27.86 -27.06 -17.76
C HIS A 12 -26.86 -26.56 -16.74
N ASN A 13 -27.32 -26.20 -15.54
CA ASN A 13 -26.42 -25.70 -14.50
C ASN A 13 -25.66 -26.81 -13.79
N ARG A 14 -25.84 -28.06 -14.20
CA ARG A 14 -25.08 -29.19 -13.64
C ARG A 14 -23.94 -29.65 -14.54
N MET A 15 -23.83 -29.08 -15.74
CA MET A 15 -22.76 -29.41 -16.67
C MET A 15 -21.84 -28.19 -16.83
N GLN A 16 -20.85 -28.33 -17.71
CA GLN A 16 -19.90 -27.26 -17.98
C GLN A 16 -20.12 -26.77 -19.42
N ALA A 17 -20.58 -25.54 -19.55
CA ALA A 17 -20.78 -24.91 -20.85
C ALA A 17 -19.45 -24.35 -21.32
N LEU A 18 -18.83 -25.02 -22.30
CA LEU A 18 -17.57 -24.55 -22.87
C LEU A 18 -17.79 -23.20 -23.55
N THR A 19 -17.15 -22.15 -23.01
CA THR A 19 -17.38 -20.79 -23.47
C THR A 19 -16.99 -20.58 -24.93
N SER A 20 -16.27 -21.53 -25.55
CA SER A 20 -15.83 -21.41 -26.93
C SER A 20 -16.83 -22.03 -27.90
N CYS A 21 -17.13 -23.31 -27.72
CA CYS A 21 -17.99 -24.04 -28.66
C CYS A 21 -19.44 -24.17 -28.18
N GLU A 22 -19.73 -23.75 -26.95
CA GLU A 22 -21.09 -23.79 -26.42
C GLU A 22 -21.61 -25.23 -26.25
N CYS A 23 -20.72 -26.16 -25.94
CA CYS A 23 -21.10 -27.55 -25.70
C CYS A 23 -21.26 -27.78 -24.21
N THR A 24 -22.24 -28.62 -23.85
CA THR A 24 -22.51 -28.98 -22.46
C THR A 24 -21.89 -30.34 -22.19
N ILE A 25 -20.85 -30.36 -21.35
CA ILE A 25 -20.11 -31.56 -21.03
C ILE A 25 -20.32 -31.87 -19.55
N CYS A 26 -20.58 -33.14 -19.25
CA CYS A 26 -20.73 -33.53 -17.86
C CYS A 26 -19.41 -33.30 -17.11
N PRO A 27 -19.47 -33.07 -15.81
CA PRO A 27 -18.23 -32.80 -15.05
C PRO A 27 -17.23 -33.94 -15.11
N ASP A 28 -17.68 -35.17 -15.34
CA ASP A 28 -16.76 -36.30 -15.35
C ASP A 28 -16.06 -36.45 -16.69
N CYS A 29 -16.83 -36.42 -17.79
CA CYS A 29 -16.22 -36.52 -19.12
C CYS A 29 -15.34 -35.30 -19.41
N PHE A 30 -15.73 -34.13 -18.91
CA PHE A 30 -14.85 -32.96 -18.99
C PHE A 30 -13.49 -33.26 -18.36
N ARG A 31 -13.51 -33.75 -17.12
CA ARG A 31 -12.25 -33.92 -16.39
C ARG A 31 -11.40 -35.03 -16.99
N GLN A 32 -11.98 -36.21 -17.21
CA GLN A 32 -11.19 -37.34 -17.67
C GLN A 32 -10.56 -37.08 -19.03
N HIS A 33 -11.28 -36.40 -19.92
CA HIS A 33 -10.74 -36.16 -21.26
C HIS A 33 -9.55 -35.22 -21.22
N PHE A 34 -9.65 -34.13 -20.45
CA PHE A 34 -8.58 -33.15 -20.49
C PHE A 34 -7.32 -33.65 -19.78
N THR A 35 -7.46 -34.45 -18.71
CA THR A 35 -6.27 -34.95 -18.02
C THR A 35 -5.51 -35.96 -18.86
N ILE A 36 -6.22 -36.89 -19.52
CA ILE A 36 -5.51 -37.87 -20.35
C ILE A 36 -4.80 -37.16 -21.51
N ALA A 37 -5.33 -36.01 -21.95
CA ALA A 37 -4.61 -35.21 -22.92
C ALA A 37 -3.30 -34.70 -22.32
N LEU A 38 -3.34 -34.24 -21.06
CA LEU A 38 -2.09 -33.90 -20.38
C LEU A 38 -1.24 -35.14 -20.14
N LYS A 39 -1.88 -36.27 -19.81
CA LYS A 39 -1.14 -37.46 -19.38
C LYS A 39 -0.28 -38.01 -20.51
N GLU A 40 -0.89 -38.35 -21.64
CA GLU A 40 -0.18 -39.02 -22.71
C GLU A 40 -0.30 -38.35 -24.08
N LYS A 41 -1.11 -37.32 -24.24
CA LYS A 41 -1.22 -36.62 -25.50
C LYS A 41 -0.41 -35.32 -25.44
N HIS A 42 -0.74 -34.37 -26.30
CA HIS A 42 -0.08 -33.07 -26.33
C HIS A 42 -1.10 -31.98 -26.05
N ILE A 43 -0.60 -30.75 -25.87
CA ILE A 43 -1.49 -29.66 -25.47
C ILE A 43 -2.36 -29.19 -26.64
N THR A 44 -1.92 -29.41 -27.88
CA THR A 44 -2.80 -29.13 -29.01
C THR A 44 -4.00 -30.06 -29.07
N ASP A 45 -4.05 -31.08 -28.22
CA ASP A 45 -5.18 -32.00 -28.16
C ASP A 45 -6.24 -31.58 -27.14
N MET A 46 -6.16 -30.35 -26.63
CA MET A 46 -7.09 -29.86 -25.61
C MET A 46 -8.29 -29.15 -26.25
N VAL A 47 -8.94 -29.87 -27.14
CA VAL A 47 -10.12 -29.37 -27.80
C VAL A 47 -11.32 -30.05 -27.18
N CYS A 48 -12.49 -29.47 -27.38
CA CYS A 48 -13.72 -30.07 -26.88
C CYS A 48 -13.82 -31.52 -27.37
N PRO A 49 -14.13 -32.46 -26.49
CA PRO A 49 -14.16 -33.87 -26.92
C PRO A 49 -15.29 -34.19 -27.88
N ALA A 50 -16.43 -33.51 -27.74
CA ALA A 50 -17.55 -33.76 -28.62
C ALA A 50 -17.34 -33.12 -30.00
N CYS A 51 -16.95 -31.85 -30.02
CA CYS A 51 -16.96 -31.12 -31.29
C CYS A 51 -15.60 -31.11 -31.97
N GLY A 52 -14.62 -30.45 -31.38
CA GLY A 52 -13.35 -30.20 -32.03
C GLY A 52 -13.20 -28.82 -32.63
N ARG A 53 -13.95 -27.82 -32.15
CA ARG A 53 -14.06 -26.52 -32.80
C ARG A 53 -12.78 -25.69 -32.65
N PRO A 54 -12.16 -25.59 -31.44
CA PRO A 54 -10.84 -24.94 -31.35
C PRO A 54 -9.79 -25.56 -32.26
N ASP A 55 -9.38 -24.79 -33.27
CA ASP A 55 -8.30 -25.20 -34.17
C ASP A 55 -6.97 -24.98 -33.46
N LEU A 56 -6.31 -26.07 -33.07
CA LEU A 56 -5.03 -25.97 -32.36
C LEU A 56 -3.84 -25.95 -33.30
N THR A 57 -4.02 -26.26 -34.58
CA THR A 57 -2.98 -26.06 -35.59
C THR A 57 -3.02 -24.66 -36.16
N ASP A 58 -3.30 -23.67 -35.31
CA ASP A 58 -3.56 -22.31 -35.77
C ASP A 58 -3.18 -21.34 -34.67
N ASP A 59 -2.09 -20.62 -34.89
CA ASP A 59 -1.57 -19.65 -33.93
C ASP A 59 -2.36 -18.34 -33.89
N THR A 60 -3.58 -18.29 -34.48
CA THR A 60 -4.48 -17.14 -34.37
C THR A 60 -5.16 -17.05 -33.01
N GLN A 61 -5.78 -18.15 -32.58
CA GLN A 61 -6.67 -18.18 -31.44
C GLN A 61 -6.11 -19.02 -30.30
N LEU A 62 -4.86 -19.46 -30.42
CA LEU A 62 -4.32 -20.43 -29.48
C LEU A 62 -4.28 -19.86 -28.06
N LEU A 63 -3.77 -18.63 -27.91
CA LEU A 63 -3.53 -18.10 -26.56
C LEU A 63 -4.82 -17.64 -25.89
N SER A 64 -5.72 -16.97 -26.63
CA SER A 64 -6.98 -16.57 -26.03
C SER A 64 -7.85 -17.77 -25.66
N TYR A 65 -7.64 -18.92 -26.32
CA TYR A 65 -8.39 -20.13 -25.97
C TYR A 65 -7.89 -20.70 -24.64
N PHE A 66 -6.58 -20.89 -24.50
CA PHE A 66 -6.04 -21.39 -23.25
C PHE A 66 -6.31 -20.45 -22.09
N SER A 67 -6.38 -19.14 -22.36
CA SER A 67 -6.70 -18.18 -21.31
C SER A 67 -8.08 -18.46 -20.73
N THR A 68 -9.07 -18.73 -21.58
CA THR A 68 -10.42 -18.99 -21.09
C THR A 68 -10.56 -20.43 -20.59
N LEU A 69 -9.91 -21.39 -21.27
CA LEU A 69 -9.99 -22.78 -20.84
C LEU A 69 -9.31 -22.98 -19.50
N ASP A 70 -8.29 -22.17 -19.19
CA ASP A 70 -7.61 -22.29 -17.90
C ASP A 70 -8.57 -22.16 -16.75
N ILE A 71 -9.59 -21.30 -16.90
CA ILE A 71 -10.55 -21.07 -15.81
C ILE A 71 -11.30 -22.35 -15.48
N GLN A 72 -11.92 -22.96 -16.48
CA GLN A 72 -12.68 -24.18 -16.23
C GLN A 72 -11.77 -25.35 -15.90
N LEU A 73 -10.55 -25.36 -16.42
CA LEU A 73 -9.59 -26.40 -16.06
C LEU A 73 -9.20 -26.31 -14.59
N ARG A 74 -9.10 -25.09 -14.05
CA ARG A 74 -8.75 -24.94 -12.64
C ARG A 74 -9.85 -25.46 -11.73
N GLU A 75 -11.11 -25.21 -12.10
CA GLU A 75 -12.23 -25.60 -11.26
C GLU A 75 -12.55 -27.09 -11.32
N SER A 76 -12.16 -27.77 -12.40
CA SER A 76 -12.54 -29.15 -12.62
C SER A 76 -11.41 -30.16 -12.42
N LEU A 77 -10.17 -29.76 -12.66
CA LEU A 77 -9.04 -30.69 -12.57
C LEU A 77 -8.53 -30.77 -11.14
N GLU A 78 -7.68 -31.77 -10.91
CA GLU A 78 -7.00 -31.92 -9.63
C GLU A 78 -5.76 -31.03 -9.60
N PRO A 79 -5.12 -30.89 -8.44
CA PRO A 79 -3.94 -30.01 -8.36
C PRO A 79 -2.80 -30.45 -9.25
N ASP A 80 -2.49 -31.75 -9.29
CA ASP A 80 -1.39 -32.21 -10.14
C ASP A 80 -1.74 -32.09 -11.62
N ALA A 81 -3.01 -32.30 -11.97
CA ALA A 81 -3.41 -32.14 -13.37
C ALA A 81 -3.34 -30.68 -13.79
N TYR A 82 -3.72 -29.77 -12.91
CA TYR A 82 -3.65 -28.35 -13.21
C TYR A 82 -2.21 -27.86 -13.32
N ALA A 83 -1.27 -28.54 -12.64
CA ALA A 83 0.12 -28.13 -12.70
C ALA A 83 0.75 -28.52 -14.03
N LEU A 84 0.41 -29.71 -14.54
CA LEU A 84 0.90 -30.12 -15.85
C LEU A 84 0.39 -29.19 -16.95
N PHE A 85 -0.80 -28.61 -16.76
CA PHE A 85 -1.34 -27.69 -17.75
C PHE A 85 -0.54 -26.41 -17.82
N HIS A 86 -0.01 -25.95 -16.69
CA HIS A 86 0.85 -24.78 -16.71
C HIS A 86 2.25 -25.12 -17.17
N LYS A 87 2.75 -26.29 -16.79
CA LYS A 87 4.07 -26.72 -17.24
C LYS A 87 4.11 -26.89 -18.75
N LYS A 88 3.12 -27.60 -19.31
CA LYS A 88 3.10 -27.82 -20.75
C LYS A 88 2.82 -26.53 -21.51
N LEU A 89 1.96 -25.66 -20.96
CA LEU A 89 1.71 -24.37 -21.60
C LEU A 89 2.98 -23.53 -21.59
N THR A 90 3.74 -23.57 -20.50
CA THR A 90 5.00 -22.84 -20.42
C THR A 90 6.02 -23.43 -21.39
N GLU A 91 6.16 -24.75 -21.39
CA GLU A 91 7.23 -25.41 -22.13
C GLU A 91 6.90 -25.68 -23.59
N GLY A 92 5.64 -25.54 -24.00
CA GLY A 92 5.26 -25.88 -25.34
C GLY A 92 4.68 -24.75 -26.16
N VAL A 93 4.26 -23.67 -25.49
CA VAL A 93 3.57 -22.56 -26.13
C VAL A 93 4.28 -21.23 -25.89
N LEU A 94 4.52 -20.89 -24.62
CA LEU A 94 4.93 -19.55 -24.26
C LEU A 94 6.43 -19.39 -24.07
N MET A 95 7.15 -20.48 -23.80
CA MET A 95 8.56 -20.47 -23.42
C MET A 95 8.81 -19.67 -22.14
N ARG A 96 7.77 -19.46 -21.33
CA ARG A 96 7.86 -18.66 -20.12
C ARG A 96 6.59 -18.90 -19.32
N ASP A 97 6.56 -18.36 -18.11
CA ASP A 97 5.35 -18.37 -17.33
C ASP A 97 4.27 -17.54 -18.00
N PRO A 98 3.00 -17.92 -17.86
CA PRO A 98 1.92 -17.07 -18.39
C PRO A 98 1.77 -15.81 -17.55
N LYS A 99 1.27 -14.76 -18.20
CA LYS A 99 0.97 -13.50 -17.53
C LYS A 99 -0.34 -13.66 -16.78
N PHE A 100 -0.27 -13.74 -15.45
CA PHE A 100 -1.44 -13.86 -14.60
C PHE A 100 -1.79 -12.48 -14.05
N LEU A 101 -3.05 -12.07 -14.23
CA LEU A 101 -3.53 -10.77 -13.79
C LEU A 101 -4.55 -10.94 -12.69
N TRP A 102 -4.50 -10.04 -11.71
CA TRP A 102 -5.47 -10.01 -10.61
C TRP A 102 -6.38 -8.78 -10.80
N CYS A 103 -7.66 -9.03 -11.05
CA CYS A 103 -8.64 -7.94 -11.09
C CYS A 103 -8.72 -7.23 -9.74
N ALA A 104 -8.42 -5.94 -9.73
CA ALA A 104 -8.49 -5.18 -8.50
C ALA A 104 -9.93 -4.95 -8.04
N GLN A 105 -10.91 -5.11 -8.93
CA GLN A 105 -12.29 -4.80 -8.58
C GLN A 105 -13.01 -5.98 -7.92
N CYS A 106 -12.78 -7.20 -8.40
CA CYS A 106 -13.48 -8.36 -7.86
C CYS A 106 -12.55 -9.48 -7.40
N SER A 107 -11.23 -9.27 -7.41
CA SER A 107 -10.21 -10.18 -6.88
C SER A 107 -10.05 -11.45 -7.70
N PHE A 108 -10.57 -11.50 -8.92
CA PHE A 108 -10.43 -12.68 -9.77
C PHE A 108 -9.08 -12.67 -10.47
N GLY A 109 -8.49 -13.85 -10.62
CA GLY A 109 -7.20 -14.01 -11.29
C GLY A 109 -7.38 -14.76 -12.61
N PHE A 110 -6.66 -14.29 -13.63
CA PHE A 110 -6.81 -14.88 -14.96
C PHE A 110 -5.57 -14.62 -15.79
N ILE A 111 -5.39 -15.47 -16.80
CA ILE A 111 -4.30 -15.34 -17.76
C ILE A 111 -4.70 -14.32 -18.81
N TYR A 112 -3.80 -13.40 -19.13
CA TYR A 112 -4.05 -12.37 -20.13
C TYR A 112 -2.82 -12.25 -21.02
N GLU A 113 -2.92 -12.77 -22.25
CA GLU A 113 -1.79 -12.79 -23.18
C GLU A 113 -2.06 -11.94 -24.42
N ARG A 114 -3.01 -11.02 -24.35
CA ARG A 114 -3.30 -10.13 -25.48
C ARG A 114 -2.33 -8.96 -25.51
N GLU A 115 -2.30 -8.26 -26.64
CA GLU A 115 -1.39 -7.14 -26.82
C GLU A 115 -1.97 -5.81 -26.33
N GLN A 116 -3.27 -5.74 -26.11
CA GLN A 116 -3.90 -4.49 -25.69
C GLN A 116 -3.47 -4.12 -24.27
N LEU A 117 -3.44 -2.81 -24.01
CA LEU A 117 -3.05 -2.32 -22.71
C LEU A 117 -4.19 -2.33 -21.70
N GLU A 118 -5.43 -2.57 -22.15
CA GLU A 118 -6.57 -2.72 -21.27
C GLU A 118 -7.04 -4.17 -21.30
N ALA A 119 -7.44 -4.67 -20.14
CA ALA A 119 -7.83 -6.07 -19.99
C ALA A 119 -9.23 -6.14 -19.39
N THR A 120 -10.05 -7.05 -19.93
CA THR A 120 -11.39 -7.30 -19.44
C THR A 120 -11.35 -8.49 -18.48
N CYS A 121 -11.77 -8.26 -17.25
CA CYS A 121 -11.83 -9.33 -16.26
C CYS A 121 -12.92 -10.33 -16.63
N PRO A 122 -12.60 -11.62 -16.80
CA PRO A 122 -13.66 -12.58 -17.18
C PRO A 122 -14.76 -12.72 -16.14
N GLN A 123 -14.55 -12.27 -14.90
CA GLN A 123 -15.57 -12.44 -13.87
C GLN A 123 -16.50 -11.24 -13.77
N CYS A 124 -15.95 -10.07 -13.47
CA CYS A 124 -16.79 -8.88 -13.30
C CYS A 124 -16.96 -8.08 -14.58
N HIS A 125 -16.28 -8.47 -15.66
CA HIS A 125 -16.44 -7.91 -16.99
C HIS A 125 -16.07 -6.44 -17.08
N GLN A 126 -15.40 -5.90 -16.06
CA GLN A 126 -14.90 -4.53 -16.12
C GLN A 126 -13.49 -4.53 -16.71
N THR A 127 -13.15 -3.44 -17.39
CA THR A 127 -11.88 -3.32 -18.06
C THR A 127 -10.95 -2.40 -17.27
N PHE A 128 -9.67 -2.77 -17.20
CA PHE A 128 -8.69 -2.01 -16.44
C PHE A 128 -7.37 -1.96 -17.20
N CYS A 129 -6.59 -0.91 -16.93
CA CYS A 129 -5.25 -0.80 -17.49
C CYS A 129 -4.35 -1.88 -16.91
N VAL A 130 -3.57 -2.53 -17.78
CA VAL A 130 -2.75 -3.65 -17.35
C VAL A 130 -1.59 -3.18 -16.47
N ARG A 131 -1.08 -1.97 -16.68
CA ARG A 131 0.07 -1.52 -15.92
C ARG A 131 -0.33 -0.94 -14.56
N CYS A 132 -1.24 0.03 -14.53
CA CYS A 132 -1.61 0.66 -13.28
C CYS A 132 -2.80 -0.02 -12.59
N LYS A 133 -3.52 -0.91 -13.28
CA LYS A 133 -4.62 -1.70 -12.76
C LYS A 133 -5.84 -0.87 -12.36
N ARG A 134 -5.80 0.45 -12.52
CA ARG A 134 -6.98 1.26 -12.29
C ARG A 134 -8.04 0.98 -13.36
N GLN A 135 -9.26 1.40 -13.06
CA GLN A 135 -10.37 1.20 -13.99
C GLN A 135 -10.11 1.97 -15.29
N TRP A 136 -10.29 1.29 -16.42
CA TRP A 136 -10.01 1.90 -17.71
C TRP A 136 -11.11 2.86 -18.13
N GLU A 137 -10.71 4.03 -18.61
CA GLU A 137 -11.62 5.01 -19.19
C GLU A 137 -10.96 5.63 -20.41
N GLU A 138 -11.77 6.36 -21.19
CA GLU A 138 -11.27 6.94 -22.43
C GLU A 138 -10.18 7.97 -22.18
N GLN A 139 -10.18 8.60 -20.99
CA GLN A 139 -9.15 9.59 -20.68
C GLN A 139 -7.76 8.97 -20.63
N HIS A 140 -7.67 7.70 -20.26
CA HIS A 140 -6.37 7.02 -20.17
C HIS A 140 -5.77 6.75 -21.54
N ARG A 141 -6.56 6.82 -22.61
CA ARG A 141 -6.05 6.57 -23.95
C ARG A 141 -5.00 7.61 -24.33
N GLY A 142 -3.84 7.14 -24.78
CA GLY A 142 -2.77 8.03 -25.16
C GLY A 142 -2.10 8.75 -24.01
N ARG A 143 -2.36 8.36 -22.78
CA ARG A 143 -1.82 9.02 -21.60
C ARG A 143 -1.11 8.02 -20.72
N SER A 144 0.01 8.44 -20.14
CA SER A 144 0.73 7.60 -19.19
C SER A 144 -0.13 7.36 -17.94
N CYS A 145 0.16 6.26 -17.25
CA CYS A 145 -0.59 5.93 -16.04
C CYS A 145 -0.47 7.03 -15.00
N GLU A 146 0.73 7.60 -14.85
CA GLU A 146 0.91 8.70 -13.90
C GLU A 146 0.02 9.89 -14.28
N ASP A 147 0.05 10.28 -15.56
CA ASP A 147 -0.86 11.32 -16.04
C ASP A 147 -2.30 10.99 -15.69
N PHE A 148 -2.71 9.75 -15.91
CA PHE A 148 -4.07 9.35 -15.61
C PHE A 148 -4.33 9.33 -14.11
N GLN A 149 -3.39 8.77 -13.33
CA GLN A 149 -3.55 8.71 -11.88
C GLN A 149 -3.60 10.11 -11.28
N ASN A 150 -2.72 11.01 -11.74
CA ASN A 150 -2.75 12.39 -11.27
C ASN A 150 -4.02 13.10 -11.72
N TRP A 151 -4.56 12.73 -12.89
CA TRP A 151 -5.75 13.41 -13.41
C TRP A 151 -6.99 13.07 -12.59
N LYS A 152 -7.09 11.83 -12.13
CA LYS A 152 -8.25 11.44 -11.33
C LYS A 152 -8.15 11.97 -9.91
N ARG A 153 -6.98 11.84 -9.28
CA ARG A 153 -6.79 12.40 -7.95
C ARG A 153 -6.97 13.90 -7.95
N MET A 154 -6.71 14.56 -9.08
CA MET A 154 -6.81 16.01 -9.15
C MET A 154 -8.25 16.49 -9.20
N ASN A 155 -9.16 15.71 -9.81
CA ASN A 155 -10.55 16.12 -10.00
C ASN A 155 -11.54 15.27 -9.19
N ASP A 156 -11.07 14.43 -8.28
CA ASP A 156 -12.00 13.78 -7.35
C ASP A 156 -12.54 14.80 -6.37
N PRO A 157 -13.87 14.92 -6.23
CA PRO A 157 -14.42 16.02 -5.42
C PRO A 157 -14.07 15.92 -3.95
N GLU A 158 -14.02 14.71 -3.39
CA GLU A 158 -13.67 14.57 -1.99
C GLU A 158 -12.24 15.04 -1.72
N TYR A 159 -11.33 14.78 -2.66
CA TYR A 159 -9.96 15.26 -2.51
C TYR A 159 -9.89 16.78 -2.60
N GLN A 160 -10.63 17.37 -3.54
CA GLN A 160 -10.60 18.81 -3.70
C GLN A 160 -11.29 19.53 -2.55
N ALA A 161 -12.31 18.89 -1.95
CA ALA A 161 -13.03 19.53 -0.85
C ALA A 161 -12.12 19.71 0.36
N GLN A 162 -11.08 18.88 0.50
CA GLN A 162 -10.17 19.01 1.63
C GLN A 162 -9.30 20.27 1.53
N GLY A 163 -9.14 20.82 0.32
CA GLY A 163 -8.42 22.07 0.18
C GLY A 163 -6.94 21.91 0.47
N LEU A 164 -6.37 22.93 1.12
CA LEU A 164 -4.94 22.93 1.42
C LEU A 164 -4.56 21.91 2.49
N ALA A 165 -5.53 21.36 3.21
CA ALA A 165 -5.22 20.34 4.22
C ALA A 165 -4.44 19.17 3.62
N MET A 166 -4.76 18.81 2.37
CA MET A 166 -4.04 17.70 1.71
C MET A 166 -2.59 18.07 1.45
N TYR A 167 -2.33 19.30 0.98
CA TYR A 167 -0.96 19.73 0.76
C TYR A 167 -0.15 19.70 2.06
N LEU A 168 -0.77 20.11 3.18
CA LEU A 168 -0.07 20.06 4.45
C LEU A 168 0.18 18.63 4.89
N GLN A 169 -0.82 17.76 4.73
CA GLN A 169 -0.63 16.35 5.10
C GLN A 169 0.40 15.66 4.21
N GLU A 170 0.42 16.01 2.91
CA GLU A 170 1.26 15.27 1.97
C GLU A 170 2.74 15.57 2.18
N ASN A 171 3.07 16.80 2.57
CA ASN A 171 4.46 17.14 2.87
C ASN A 171 4.86 16.47 4.18
N GLY A 172 5.65 15.39 4.07
CA GLY A 172 5.87 14.50 5.18
C GLY A 172 6.89 15.01 6.18
N ILE A 173 6.84 14.41 7.36
CA ILE A 173 7.84 14.61 8.41
C ILE A 173 8.67 13.34 8.47
N ASP A 174 9.95 13.43 8.10
CA ASP A 174 10.85 12.29 8.12
C ASP A 174 11.78 12.40 9.32
N CYS A 175 11.74 11.39 10.18
CA CYS A 175 12.63 11.36 11.33
C CYS A 175 14.08 11.31 10.86
N PRO A 176 14.93 12.25 11.29
CA PRO A 176 16.29 12.32 10.73
C PRO A 176 17.20 11.17 11.13
N LYS A 177 16.82 10.34 12.10
CA LYS A 177 17.68 9.21 12.46
C LYS A 177 17.10 7.85 12.08
N CYS A 178 15.77 7.68 12.07
CA CYS A 178 15.18 6.39 11.74
C CYS A 178 14.54 6.35 10.35
N LYS A 179 14.39 7.50 9.69
CA LYS A 179 13.94 7.64 8.31
C LYS A 179 12.46 7.29 8.11
N PHE A 180 11.71 7.04 9.18
CA PHE A 180 10.27 6.85 9.04
C PHE A 180 9.61 8.16 8.63
N SER A 181 8.74 8.11 7.62
CA SER A 181 8.02 9.27 7.12
C SER A 181 6.60 9.21 7.64
N TYR A 182 6.18 10.26 8.35
CA TYR A 182 4.90 10.24 9.04
C TYR A 182 3.76 10.87 8.24
N ALA A 183 4.07 11.81 7.34
CA ALA A 183 3.07 12.47 6.50
C ALA A 183 1.95 13.06 7.34
N LEU A 184 2.31 14.04 8.17
CA LEU A 184 1.38 14.79 8.98
C LEU A 184 1.67 16.27 8.84
N ALA A 185 0.66 17.08 9.14
CA ALA A 185 0.89 18.51 9.28
C ALA A 185 1.61 18.79 10.60
N ARG A 186 2.15 20.00 10.70
CA ARG A 186 2.89 20.41 11.89
C ARG A 186 2.06 21.25 12.85
N GLY A 187 1.23 22.14 12.32
CA GLY A 187 0.48 23.02 13.20
C GLY A 187 1.42 23.97 13.91
N GLY A 188 1.25 24.11 15.22
CA GLY A 188 2.05 25.03 16.00
C GLY A 188 3.09 24.37 16.87
N CYS A 189 3.07 23.04 16.93
CA CYS A 189 3.98 22.28 17.78
C CYS A 189 5.16 21.79 16.95
N MET A 190 6.37 22.25 17.30
CA MET A 190 7.58 21.85 16.58
C MET A 190 8.26 20.64 17.19
N HIS A 191 8.11 20.42 18.49
CA HIS A 191 8.81 19.33 19.18
C HIS A 191 8.18 18.00 18.80
N PHE A 192 8.87 17.22 17.98
CA PHE A 192 8.36 15.96 17.49
C PHE A 192 8.99 14.79 18.24
N HIS A 193 8.18 13.78 18.52
CA HIS A 193 8.63 12.53 19.13
C HIS A 193 8.35 11.39 18.16
N CYS A 194 9.39 10.61 17.84
CA CYS A 194 9.23 9.50 16.92
C CYS A 194 8.93 8.22 17.69
N THR A 195 7.90 7.51 17.24
CA THR A 195 7.46 6.31 17.95
C THR A 195 8.49 5.17 17.81
N GLN A 196 9.14 5.07 16.65
CA GLN A 196 10.02 3.94 16.41
C GLN A 196 11.35 4.07 17.13
N CYS A 197 11.99 5.23 17.08
CA CYS A 197 13.34 5.36 17.62
C CYS A 197 13.43 6.30 18.81
N ARG A 198 12.31 6.89 19.24
CA ARG A 198 12.23 7.79 20.38
C ARG A 198 13.01 9.10 20.18
N HIS A 199 13.52 9.35 18.98
CA HIS A 199 14.26 10.57 18.71
C HIS A 199 13.34 11.78 18.85
N GLN A 200 13.86 12.82 19.48
CA GLN A 200 13.16 14.08 19.62
C GLN A 200 13.85 15.11 18.75
N PHE A 201 13.09 15.73 17.84
CA PHE A 201 13.65 16.66 16.87
C PHE A 201 12.60 17.70 16.52
N CYS A 202 13.07 18.78 15.90
CA CYS A 202 12.18 19.82 15.41
C CYS A 202 11.64 19.41 14.03
N SER A 203 10.31 19.46 13.87
CA SER A 203 9.72 19.10 12.60
C SER A 203 9.91 20.17 11.53
N GLY A 204 10.35 21.37 11.92
CA GLY A 204 10.58 22.44 10.97
C GLY A 204 11.97 22.40 10.35
N CYS A 205 12.98 22.05 11.15
CA CYS A 205 14.36 22.09 10.68
C CYS A 205 15.13 20.81 10.91
N TYR A 206 14.52 19.80 11.55
CA TYR A 206 15.10 18.48 11.79
C TYR A 206 16.29 18.51 12.73
N ASN A 207 16.50 19.60 13.46
CA ASN A 207 17.54 19.65 14.47
C ASN A 207 17.08 18.94 15.75
N ALA A 208 18.06 18.45 16.51
CA ALA A 208 17.75 17.64 17.68
C ALA A 208 17.22 18.47 18.82
N PHE A 209 16.23 17.93 19.53
CA PHE A 209 15.78 18.49 20.79
C PHE A 209 16.57 17.80 21.90
N TYR A 210 17.55 18.51 22.44
CA TYR A 210 18.49 17.93 23.38
C TYR A 210 17.92 17.90 24.79
N ALA A 211 18.13 16.79 25.48
CA ALA A 211 17.75 16.67 26.88
C ALA A 211 18.67 17.53 27.75
N LYS A 212 18.41 17.51 29.06
CA LYS A 212 19.19 18.33 29.99
C LYS A 212 20.67 17.98 29.93
N ASN A 213 21.50 19.00 29.77
CA ASN A 213 22.96 18.86 29.75
C ASN A 213 23.45 17.96 28.63
N LYS A 214 22.72 17.90 27.51
CA LYS A 214 23.14 17.11 26.37
C LYS A 214 23.52 17.94 25.15
N CYS A 215 23.07 19.18 25.07
CA CYS A 215 23.36 20.01 23.90
C CYS A 215 24.86 20.30 23.82
N PRO A 216 25.51 20.00 22.70
CA PRO A 216 26.95 20.33 22.56
C PRO A 216 27.26 21.66 21.89
N GLU A 217 26.24 22.46 21.57
CA GLU A 217 26.49 23.71 20.87
C GLU A 217 27.29 24.67 21.76
N PRO A 218 28.31 25.33 21.20
CA PRO A 218 29.07 26.29 22.00
C PRO A 218 28.25 27.52 22.31
N ASN A 219 28.50 28.09 23.48
CA ASN A 219 27.83 29.31 23.96
C ASN A 219 26.33 29.11 24.15
N CYS A 220 25.88 27.88 24.33
CA CYS A 220 24.47 27.64 24.60
C CYS A 220 24.15 28.04 26.04
N ARG A 221 23.12 28.87 26.21
CA ARG A 221 22.77 29.41 27.52
C ARG A 221 21.63 28.67 28.20
N VAL A 222 21.08 27.64 27.57
CA VAL A 222 19.99 26.87 28.17
C VAL A 222 20.35 25.39 28.19
N LYS A 223 21.62 25.09 28.45
CA LYS A 223 22.10 23.71 28.42
C LYS A 223 21.37 22.83 29.44
N LYS A 224 20.93 23.40 30.55
CA LYS A 224 20.23 22.63 31.57
C LYS A 224 18.74 22.47 31.29
N SER A 225 18.28 22.88 30.11
CA SER A 225 16.87 22.80 29.75
C SER A 225 16.70 22.00 28.48
N LEU A 226 15.53 21.38 28.33
CA LEU A 226 15.15 20.77 27.07
C LEU A 226 14.93 21.87 26.04
N HIS A 227 15.54 21.71 24.87
CA HIS A 227 15.57 22.80 23.90
C HIS A 227 16.20 22.29 22.61
N GLY A 228 15.96 23.03 21.53
CA GLY A 228 16.63 22.79 20.27
C GLY A 228 17.14 24.10 19.70
N HIS A 229 18.00 23.97 18.69
CA HIS A 229 18.55 25.13 18.00
C HIS A 229 18.02 25.14 16.57
N HIS A 230 17.54 26.30 16.12
CA HIS A 230 16.86 26.37 14.85
C HIS A 230 17.50 27.43 13.96
N PRO A 231 17.57 27.19 12.66
CA PRO A 231 17.98 28.24 11.73
C PRO A 231 16.91 29.32 11.63
N ARG A 232 17.30 30.47 11.10
CA ARG A 232 16.42 31.64 11.14
C ARG A 232 15.19 31.49 10.24
N ASP A 233 15.19 30.54 9.31
CA ASP A 233 14.05 30.34 8.42
C ASP A 233 13.25 29.10 8.80
N CYS A 234 13.46 28.56 10.00
CA CYS A 234 12.66 27.45 10.51
C CYS A 234 11.30 27.94 11.01
N LEU A 235 10.27 27.14 10.73
CA LEU A 235 8.92 27.44 11.20
C LEU A 235 8.89 27.78 12.69
N PHE A 236 9.81 27.21 13.47
CA PHE A 236 9.87 27.51 14.90
C PHE A 236 9.92 29.02 15.14
N TYR A 237 10.67 29.74 14.31
CA TYR A 237 10.73 31.19 14.40
C TYR A 237 9.67 31.87 13.53
N LEU A 238 9.48 31.40 12.30
CA LEU A 238 8.59 32.08 11.37
C LEU A 238 7.13 31.96 11.77
N ARG A 239 6.78 31.00 12.64
CA ARG A 239 5.43 30.92 13.17
C ARG A 239 5.08 32.13 14.04
N ASP A 240 6.08 32.83 14.58
CA ASP A 240 5.83 34.04 15.36
C ASP A 240 5.56 35.24 14.48
N TRP A 241 5.93 35.19 13.21
CA TRP A 241 5.61 36.27 12.29
C TRP A 241 4.09 36.34 12.07
N THR A 242 3.60 37.54 11.78
CA THR A 242 2.23 37.64 11.31
C THR A 242 2.10 37.03 9.92
N ALA A 243 0.86 36.72 9.54
CA ALA A 243 0.62 36.27 8.18
C ALA A 243 0.97 37.37 7.18
N LEU A 244 0.80 38.63 7.57
CA LEU A 244 1.08 39.74 6.66
C LEU A 244 2.56 39.80 6.31
N ARG A 245 3.43 39.70 7.32
CA ARG A 245 4.87 39.78 7.05
C ARG A 245 5.37 38.54 6.29
N LEU A 246 4.81 37.37 6.60
CA LEU A 246 5.13 36.19 5.82
C LEU A 246 4.74 36.37 4.36
N GLN A 247 3.56 36.94 4.11
CA GLN A 247 3.12 37.21 2.75
C GLN A 247 4.00 38.25 2.07
N LYS A 248 4.53 39.21 2.83
CA LYS A 248 5.38 40.22 2.23
C LYS A 248 6.67 39.63 1.71
N LEU A 249 7.25 38.67 2.45
CA LEU A 249 8.44 37.98 1.96
C LEU A 249 8.13 37.19 0.69
N LEU A 250 6.94 36.59 0.63
CA LEU A 250 6.54 35.87 -0.58
C LEU A 250 6.29 36.83 -1.73
N GLN A 251 5.72 38.01 -1.45
CA GLN A 251 5.44 38.96 -2.52
C GLN A 251 6.72 39.59 -3.05
N ASP A 252 7.70 39.83 -2.18
CA ASP A 252 8.96 40.41 -2.61
C ASP A 252 9.73 39.49 -3.55
N ASN A 253 9.35 38.21 -3.62
CA ASN A 253 10.01 37.25 -4.49
C ASN A 253 9.05 36.64 -5.51
N ASN A 254 7.88 37.28 -5.69
CA ASN A 254 6.91 36.89 -6.71
C ASN A 254 6.48 35.43 -6.56
N VAL A 255 6.29 34.99 -5.32
CA VAL A 255 5.74 33.67 -5.04
C VAL A 255 4.27 33.83 -4.71
N MET A 256 3.41 33.14 -5.46
CA MET A 256 1.99 33.24 -5.20
C MET A 256 1.62 32.42 -3.98
N PHE A 257 0.47 32.76 -3.39
CA PHE A 257 -0.06 32.07 -2.22
C PHE A 257 -1.56 32.23 -2.22
N ASN A 258 -2.25 31.21 -1.70
CA ASN A 258 -3.69 31.29 -1.55
C ASN A 258 -4.05 32.02 -0.27
N THR A 259 -5.17 32.75 -0.32
CA THR A 259 -5.82 33.27 0.87
C THR A 259 -7.29 32.90 0.97
N GLU A 260 -7.90 32.46 -0.12
CA GLU A 260 -9.23 31.85 -0.11
C GLU A 260 -9.11 30.37 -0.44
N PRO A 261 -10.08 29.57 -0.02
CA PRO A 261 -10.06 28.13 -0.35
C PRO A 261 -10.00 27.91 -1.84
N PRO A 262 -9.12 27.01 -2.31
CA PRO A 262 -8.97 26.71 -3.74
C PRO A 262 -10.17 25.93 -4.32
N GLY A 272 -14.52 23.46 11.57
CA GLY A 272 -13.37 24.35 11.52
C GLY A 272 -12.31 23.90 10.53
N CYS A 273 -11.05 23.95 10.96
CA CYS A 273 -9.94 23.58 10.08
C CYS A 273 -9.93 22.07 9.82
N ARG A 274 -9.94 21.69 8.55
CA ARG A 274 -10.03 20.30 8.16
C ARG A 274 -8.71 19.56 8.21
N VAL A 275 -7.63 20.20 8.66
CA VAL A 275 -6.34 19.52 8.75
C VAL A 275 -6.45 18.38 9.74
N ILE A 276 -6.04 17.19 9.31
CA ILE A 276 -6.17 15.98 10.12
C ILE A 276 -4.98 15.89 11.07
N GLU A 277 -5.28 15.65 12.35
CA GLU A 277 -4.26 15.43 13.37
C GLU A 277 -4.43 14.03 13.95
N GLN A 278 -3.35 13.50 14.51
CA GLN A 278 -3.34 12.15 15.07
C GLN A 278 -3.38 12.26 16.60
N LYS A 279 -4.60 12.24 17.15
CA LYS A 279 -4.79 12.28 18.59
C LYS A 279 -4.75 10.86 19.16
N GLU A 280 -4.12 10.72 20.32
CA GLU A 280 -3.91 9.41 20.93
C GLU A 280 -5.11 9.06 21.81
N VAL A 281 -5.71 7.91 21.54
CA VAL A 281 -6.84 7.40 22.30
C VAL A 281 -6.42 6.11 22.99
N PRO A 282 -7.25 5.51 23.88
CA PRO A 282 -6.94 4.18 24.42
C PRO A 282 -6.62 3.17 23.33
N ASN A 283 -5.35 2.75 23.26
CA ASN A 283 -4.86 1.79 22.29
C ASN A 283 -5.15 2.24 20.86
N GLY A 284 -4.32 3.13 20.34
CA GLY A 284 -4.42 3.57 18.97
C GLY A 284 -4.37 5.10 18.85
N LEU A 285 -4.31 5.53 17.59
CA LEU A 285 -4.35 6.94 17.24
C LEU A 285 -5.64 7.21 16.48
N ARG A 286 -6.40 8.20 16.93
CA ARG A 286 -7.66 8.59 16.29
C ARG A 286 -7.42 9.88 15.49
N ASP A 287 -7.68 9.82 14.20
CA ASP A 287 -7.48 10.98 13.31
C ASP A 287 -8.61 11.97 13.55
N GLU A 288 -8.37 12.96 14.41
CA GLU A 288 -9.33 14.02 14.69
C GLU A 288 -8.91 15.29 13.96
N ALA A 289 -9.84 15.88 13.22
CA ALA A 289 -9.54 17.08 12.46
C ALA A 289 -9.17 18.23 13.40
N CYS A 290 -8.41 19.18 12.85
CA CYS A 290 -8.00 20.37 13.61
C CYS A 290 -9.22 21.08 14.20
N GLY A 291 -10.12 21.55 13.33
CA GLY A 291 -11.38 22.09 13.78
C GLY A 291 -11.33 23.44 14.45
N LYS A 292 -10.21 24.15 14.36
CA LYS A 292 -10.12 25.48 14.93
C LYS A 292 -10.64 26.51 13.94
N GLU A 293 -10.90 27.72 14.44
CA GLU A 293 -11.39 28.83 13.63
C GLU A 293 -10.59 28.97 12.34
N THR A 294 -11.31 29.25 11.25
CA THR A 294 -10.71 29.49 9.95
C THR A 294 -10.97 30.95 9.56
N PRO A 295 -10.06 31.86 9.89
CA PRO A 295 -10.29 33.28 9.57
C PRO A 295 -10.32 33.52 8.07
N ALA A 296 -10.97 34.63 7.69
CA ALA A 296 -10.97 35.05 6.31
C ALA A 296 -9.57 35.45 5.89
N GLY A 297 -9.21 35.12 4.64
CA GLY A 297 -7.88 35.36 4.16
C GLY A 297 -6.86 34.30 4.51
N TYR A 298 -7.26 33.24 5.22
CA TYR A 298 -6.35 32.17 5.60
C TYR A 298 -6.64 30.88 4.84
N ALA A 299 -7.26 30.97 3.67
CA ALA A 299 -7.41 29.84 2.73
C ALA A 299 -8.10 28.64 3.38
N GLY A 300 -9.05 28.91 4.27
CA GLY A 300 -9.83 27.85 4.87
C GLY A 300 -9.17 27.10 5.99
N LEU A 301 -7.91 27.41 6.32
CA LEU A 301 -7.19 26.76 7.40
C LEU A 301 -7.28 27.60 8.67
N CYS A 302 -6.79 27.03 9.77
CA CYS A 302 -6.65 27.80 11.00
C CYS A 302 -5.43 28.71 10.86
N GLN A 303 -5.06 29.42 11.92
CA GLN A 303 -3.94 30.35 11.82
C GLN A 303 -2.61 29.60 11.77
N ALA A 304 -2.42 28.64 12.67
CA ALA A 304 -1.15 27.93 12.72
C ALA A 304 -0.93 27.12 11.45
N HIS A 305 -1.98 26.51 10.92
CA HIS A 305 -1.82 25.73 9.69
C HIS A 305 -1.67 26.62 8.47
N TYR A 306 -2.26 27.81 8.50
CA TYR A 306 -2.05 28.74 7.39
C TYR A 306 -0.65 29.32 7.41
N LYS A 307 -0.09 29.56 8.60
CA LYS A 307 1.29 30.01 8.69
C LYS A 307 2.25 28.91 8.28
N GLU A 308 1.99 27.67 8.69
CA GLU A 308 2.79 26.54 8.23
C GLU A 308 2.78 26.46 6.71
N TYR A 309 1.61 26.69 6.09
CA TYR A 309 1.53 26.68 4.63
C TYR A 309 2.36 27.79 4.02
N LEU A 310 2.33 28.98 4.62
CA LEU A 310 3.16 30.08 4.12
C LEU A 310 4.64 29.79 4.28
N VAL A 311 5.04 29.20 5.41
CA VAL A 311 6.46 28.96 5.67
C VAL A 311 6.99 27.88 4.73
N SER A 312 6.19 26.85 4.44
CA SER A 312 6.67 25.81 3.53
C SER A 312 6.83 26.36 2.13
N LEU A 313 5.97 27.30 1.73
CA LEU A 313 6.22 28.03 0.49
C LEU A 313 7.50 28.84 0.59
N ILE A 314 7.74 29.48 1.74
CA ILE A 314 8.97 30.23 1.96
C ILE A 314 10.17 29.30 1.92
N ASN A 315 10.08 28.16 2.61
CA ASN A 315 11.19 27.22 2.64
C ASN A 315 11.41 26.57 1.28
N ALA A 316 10.32 26.21 0.59
CA ALA A 316 10.45 25.57 -0.72
C ALA A 316 11.24 26.44 -1.69
N HIS A 317 11.09 27.75 -1.59
CA HIS A 317 11.80 28.68 -2.45
C HIS A 317 13.06 29.25 -1.81
N SER A 318 13.43 28.76 -0.62
CA SER A 318 14.65 29.18 0.06
C SER A 318 14.69 30.70 0.25
N LEU A 319 13.54 31.31 0.51
CA LEU A 319 13.51 32.74 0.79
C LEU A 319 14.13 33.01 2.15
N ASP A 320 14.93 34.08 2.21
CA ASP A 320 15.66 34.43 3.41
C ASP A 320 14.88 35.48 4.20
N PRO A 321 14.39 35.17 5.40
CA PRO A 321 13.70 36.19 6.20
C PRO A 321 14.61 37.33 6.62
N ALA A 322 15.93 37.14 6.60
CA ALA A 322 16.86 38.20 6.99
C ALA A 322 16.78 39.40 6.06
N THR A 323 16.23 39.23 4.85
CA THR A 323 16.08 40.34 3.92
C THR A 323 15.11 41.39 4.40
N LEU A 324 14.29 41.08 5.41
CA LEU A 324 13.34 42.02 5.97
C LEU A 324 13.71 42.48 7.38
N TYR A 325 14.80 41.96 7.95
CA TYR A 325 15.19 42.30 9.31
C TYR A 325 15.45 43.80 9.45
N GLU A 326 14.93 44.37 10.54
CA GLU A 326 15.37 45.68 10.99
C GLU A 326 16.71 45.53 11.73
N VAL A 327 17.23 46.66 12.22
CA VAL A 327 18.54 46.65 12.86
C VAL A 327 18.55 45.75 14.09
N GLU A 328 17.54 45.88 14.95
CA GLU A 328 17.52 45.10 16.18
C GLU A 328 17.37 43.60 15.88
N GLU A 329 16.65 43.25 14.83
CA GLU A 329 16.58 41.85 14.42
C GLU A 329 17.95 41.35 13.97
N LEU A 330 18.65 42.15 13.16
CA LEU A 330 19.99 41.74 12.70
C LEU A 330 20.96 41.60 13.86
N GLU A 331 20.83 42.46 14.88
CA GLU A 331 21.69 42.35 16.05
C GLU A 331 21.41 41.06 16.83
N THR A 332 20.13 40.76 17.05
CA THR A 332 19.75 39.49 17.67
C THR A 332 20.33 38.31 16.89
N ALA A 333 20.16 38.33 15.56
CA ALA A 333 20.65 37.23 14.74
C ALA A 333 22.16 37.09 14.80
N THR A 334 22.88 38.22 14.93
CA THR A 334 24.33 38.16 15.01
C THR A 334 24.79 37.47 16.30
N GLU A 335 24.17 37.83 17.43
CA GLU A 335 24.55 37.19 18.69
C GLU A 335 24.13 35.73 18.71
N ARG A 336 22.96 35.42 18.16
CA ARG A 336 22.46 34.04 18.20
C ARG A 336 23.30 33.11 17.34
N TYR A 337 23.69 33.55 16.15
CA TYR A 337 24.32 32.67 15.18
C TYR A 337 25.80 32.91 14.98
N LEU A 338 26.30 34.12 15.22
CA LEU A 338 27.73 34.39 15.12
C LEU A 338 28.39 34.51 16.49
N HIS A 339 27.61 34.58 17.56
CA HIS A 339 28.13 34.59 18.94
C HIS A 339 29.03 35.79 19.21
N VAL A 340 28.72 36.93 18.59
CA VAL A 340 29.42 38.18 18.83
C VAL A 340 28.38 39.29 18.94
N ARG A 341 28.54 40.17 19.93
CA ARG A 341 27.65 41.32 20.03
C ARG A 341 28.06 42.35 18.99
N PRO A 342 27.19 42.63 18.00
CA PRO A 342 27.55 43.61 16.98
C PRO A 342 27.72 45.00 17.57
N GLN A 343 28.43 45.85 16.83
CA GLN A 343 28.67 47.20 17.27
C GLN A 343 28.90 48.07 16.05
N PRO A 344 28.22 49.22 15.95
CA PRO A 344 28.45 50.10 14.80
C PRO A 344 29.86 50.66 14.79
N LEU A 345 30.32 51.01 13.59
CA LEU A 345 31.64 51.60 13.40
C LEU A 345 31.52 53.07 13.01
N ALA A 346 32.67 53.74 13.02
CA ALA A 346 32.70 55.17 12.76
C ALA A 346 32.24 55.48 11.34
N GLY A 347 31.39 56.50 11.21
CA GLY A 347 30.89 56.94 9.92
C GLY A 347 29.67 56.21 9.40
N GLU A 348 29.18 55.20 10.12
CA GLU A 348 28.03 54.43 9.69
C GLU A 348 26.74 55.09 10.14
N ASP A 349 25.80 55.23 9.21
CA ASP A 349 24.41 55.55 9.54
C ASP A 349 23.64 54.25 9.72
N PRO A 350 22.38 54.31 10.17
CA PRO A 350 21.63 53.05 10.43
C PRO A 350 21.58 52.13 9.21
N PRO A 351 21.29 52.64 8.00
CA PRO A 351 21.27 51.73 6.84
C PRO A 351 22.61 51.05 6.58
N ALA A 352 23.73 51.76 6.76
CA ALA A 352 25.04 51.15 6.54
C ALA A 352 25.30 50.06 7.57
N TYR A 353 25.03 50.35 8.84
CA TYR A 353 25.11 49.33 9.89
C TYR A 353 24.25 48.13 9.54
N GLN A 354 23.01 48.39 9.11
CA GLN A 354 22.10 47.31 8.73
C GLN A 354 22.66 46.50 7.57
N ALA A 355 23.17 47.18 6.55
CA ALA A 355 23.69 46.48 5.37
C ALA A 355 24.90 45.62 5.72
N ARG A 356 25.74 46.09 6.64
CA ARG A 356 26.92 45.32 7.03
C ARG A 356 26.52 44.06 7.81
N LEU A 357 25.68 44.22 8.83
CA LEU A 357 25.25 43.06 9.59
C LEU A 357 24.55 42.04 8.70
N LEU A 358 23.74 42.51 7.76
CA LEU A 358 23.03 41.60 6.85
C LEU A 358 24.02 40.82 5.99
N GLN A 359 24.98 41.51 5.38
CA GLN A 359 25.92 40.84 4.48
C GLN A 359 26.74 39.79 5.23
N LYS A 360 27.21 40.12 6.42
CA LYS A 360 28.03 39.17 7.19
C LYS A 360 27.21 37.96 7.62
N LEU A 361 25.95 38.18 8.02
CA LEU A 361 25.10 37.06 8.44
C LEU A 361 24.81 36.11 7.27
N THR A 362 24.40 36.66 6.13
CA THR A 362 24.08 35.82 4.99
C THR A 362 25.31 35.13 4.39
N GLU A 363 26.50 35.67 4.62
CA GLU A 363 27.70 35.03 4.11
C GLU A 363 28.18 33.90 5.02
N GLU A 364 28.03 34.06 6.34
CA GLU A 364 28.57 33.10 7.30
C GLU A 364 27.57 32.06 7.76
N VAL A 365 26.29 32.39 7.83
CA VAL A 365 25.29 31.47 8.36
C VAL A 365 24.30 31.11 7.25
N PRO A 366 24.35 29.90 6.70
CA PRO A 366 23.39 29.52 5.67
C PRO A 366 21.99 29.34 6.23
N LEU A 367 21.02 29.31 5.32
CA LEU A 367 19.67 28.94 5.69
C LEU A 367 19.63 27.50 6.17
N GLY A 368 18.46 27.07 6.67
CA GLY A 368 18.28 25.73 7.17
C GLY A 368 18.86 24.66 6.27
N GLN A 369 19.88 23.95 6.76
CA GLN A 369 20.57 22.97 5.94
C GLN A 369 19.80 21.66 5.82
N SER A 370 18.92 21.35 6.76
CA SER A 370 18.10 20.15 6.69
C SER A 370 16.61 20.46 6.63
N ILE A 371 16.24 21.72 6.44
CA ILE A 371 14.83 22.07 6.32
C ILE A 371 14.23 21.38 5.09
N PRO A 372 13.08 20.73 5.20
CA PRO A 372 12.46 20.13 4.01
C PRO A 372 11.92 21.21 3.09
N ARG A 373 12.44 21.26 1.88
CA ARG A 373 12.04 22.26 0.89
C ARG A 373 11.34 21.56 -0.26
N ARG A 374 10.20 22.12 -0.68
CA ARG A 374 9.27 21.49 -1.62
C ARG A 374 8.74 20.17 -1.08
N GLU B 1 0.88 4.19 8.97
CA GLU B 1 0.54 3.68 7.64
C GLU B 1 -0.67 2.75 7.71
N VAL B 2 -0.78 1.83 6.74
CA VAL B 2 -1.99 1.01 6.61
C VAL B 2 -2.20 0.17 7.86
N GLN B 3 -3.45 0.10 8.31
CA GLN B 3 -3.82 -0.78 9.41
C GLN B 3 -5.25 -1.24 9.21
N LEU B 4 -5.50 -2.52 9.51
CA LEU B 4 -6.84 -3.10 9.43
C LEU B 4 -7.07 -3.91 10.69
N LEU B 5 -8.05 -3.51 11.49
CA LEU B 5 -8.32 -4.13 12.79
C LEU B 5 -9.67 -4.82 12.73
N GLU B 6 -9.67 -6.14 12.85
CA GLU B 6 -10.90 -6.91 12.87
C GLU B 6 -11.39 -7.06 14.31
N SER B 7 -12.72 -7.12 14.45
CA SER B 7 -13.37 -7.36 15.72
C SER B 7 -14.72 -8.00 15.45
N GLY B 8 -15.22 -8.74 16.44
CA GLY B 8 -16.53 -9.35 16.36
C GLY B 8 -16.53 -10.87 16.39
N GLY B 9 -15.37 -11.52 16.35
CA GLY B 9 -15.35 -12.97 16.40
C GLY B 9 -15.55 -13.51 17.80
N GLY B 10 -15.96 -14.77 17.86
CA GLY B 10 -16.18 -15.42 19.14
C GLY B 10 -16.93 -16.72 18.95
N LEU B 11 -17.46 -17.23 20.07
CA LEU B 11 -18.20 -18.48 20.07
C LEU B 11 -19.68 -18.21 19.78
N VAL B 12 -20.28 -19.09 18.98
CA VAL B 12 -21.67 -18.95 18.60
C VAL B 12 -22.19 -20.32 18.20
N GLN B 13 -23.44 -20.60 18.54
CA GLN B 13 -24.04 -21.89 18.21
C GLN B 13 -24.47 -21.93 16.75
N PRO B 14 -24.61 -23.12 16.17
CA PRO B 14 -25.09 -23.23 14.79
C PRO B 14 -26.44 -22.57 14.61
N GLY B 15 -26.65 -22.01 13.42
CA GLY B 15 -27.83 -21.22 13.16
C GLY B 15 -27.81 -19.84 13.78
N GLY B 16 -26.69 -19.44 14.38
CA GLY B 16 -26.60 -18.16 15.05
C GLY B 16 -26.29 -17.01 14.10
N SER B 17 -25.98 -15.87 14.70
CA SER B 17 -25.72 -14.65 13.95
C SER B 17 -24.47 -13.98 14.51
N LEU B 18 -23.74 -13.30 13.63
CA LEU B 18 -22.49 -12.67 14.03
C LEU B 18 -22.14 -11.61 12.99
N ARG B 19 -21.68 -10.45 13.46
CA ARG B 19 -21.31 -9.34 12.60
C ARG B 19 -19.88 -8.93 12.89
N LEU B 20 -18.99 -9.11 11.92
CA LEU B 20 -17.60 -8.72 12.06
C LEU B 20 -17.40 -7.30 11.55
N SER B 21 -16.40 -6.62 12.10
CA SER B 21 -16.05 -5.27 11.70
C SER B 21 -14.56 -5.20 11.41
N CYS B 22 -14.19 -4.35 10.45
CA CYS B 22 -12.81 -4.10 10.09
C CYS B 22 -12.61 -2.59 10.02
N ALA B 23 -11.95 -2.03 11.03
CA ALA B 23 -11.67 -0.60 11.04
C ALA B 23 -10.40 -0.33 10.27
N ALA B 24 -10.47 0.57 9.28
CA ALA B 24 -9.36 0.83 8.38
C ALA B 24 -8.81 2.23 8.58
N SER B 25 -7.49 2.37 8.47
CA SER B 25 -6.84 3.67 8.51
C SER B 25 -5.53 3.58 7.75
N GLY B 26 -4.95 4.74 7.47
CA GLY B 26 -3.69 4.82 6.75
C GLY B 26 -3.80 4.87 5.25
N PHE B 27 -5.01 4.90 4.70
CA PHE B 27 -5.18 5.00 3.26
C PHE B 27 -6.57 5.54 2.96
N THR B 28 -6.75 6.00 1.73
CA THR B 28 -8.05 6.51 1.28
C THR B 28 -9.00 5.33 1.11
N PHE B 29 -9.82 5.10 2.14
CA PHE B 29 -10.65 3.90 2.20
C PHE B 29 -11.60 3.81 1.01
N ARG B 30 -12.22 4.93 0.63
CA ARG B 30 -13.26 4.91 -0.39
C ARG B 30 -12.73 4.56 -1.77
N GLY B 31 -11.42 4.62 -1.99
CA GLY B 31 -10.86 4.38 -3.29
C GLY B 31 -10.39 2.96 -3.56
N TYR B 32 -10.73 2.01 -2.69
CA TYR B 32 -10.27 0.63 -2.84
C TYR B 32 -11.41 -0.33 -2.57
N SER B 33 -11.40 -1.44 -3.30
CA SER B 33 -12.26 -2.55 -2.93
C SER B 33 -11.71 -3.22 -1.68
N MET B 34 -12.59 -3.87 -0.94
CA MET B 34 -12.23 -4.55 0.30
C MET B 34 -12.78 -5.97 0.27
N ALA B 35 -12.21 -6.84 1.11
CA ALA B 35 -12.59 -8.25 1.05
C ALA B 35 -12.49 -8.90 2.42
N TRP B 36 -13.16 -10.04 2.54
CA TRP B 36 -13.05 -10.93 3.69
C TRP B 36 -12.52 -12.27 3.21
N VAL B 37 -11.53 -12.80 3.91
CA VAL B 37 -11.03 -14.15 3.67
C VAL B 37 -11.00 -14.86 5.03
N ARG B 38 -10.75 -16.17 4.97
CA ARG B 38 -10.80 -16.96 6.20
C ARG B 38 -9.95 -18.21 6.04
N GLN B 39 -9.42 -18.70 7.16
CA GLN B 39 -8.61 -19.91 7.18
C GLN B 39 -9.18 -20.86 8.23
N ALA B 40 -9.85 -21.91 7.78
CA ALA B 40 -10.34 -22.94 8.68
C ALA B 40 -9.17 -23.69 9.30
N PRO B 41 -9.36 -24.30 10.47
CA PRO B 41 -8.25 -25.01 11.14
C PRO B 41 -7.62 -26.06 10.24
N GLY B 42 -6.31 -25.94 10.05
CA GLY B 42 -5.55 -26.88 9.24
C GLY B 42 -5.76 -26.77 7.73
N LYS B 43 -6.67 -25.91 7.27
CA LYS B 43 -6.97 -25.80 5.86
C LYS B 43 -6.29 -24.58 5.24
N GLY B 44 -6.38 -24.49 3.91
CA GLY B 44 -5.84 -23.34 3.21
C GLY B 44 -6.77 -22.15 3.20
N LEU B 45 -6.18 -20.97 2.98
CA LEU B 45 -6.96 -19.74 2.96
C LEU B 45 -8.08 -19.83 1.92
N GLU B 46 -9.22 -19.24 2.26
CA GLU B 46 -10.41 -19.27 1.41
C GLU B 46 -11.00 -17.87 1.30
N TRP B 47 -11.29 -17.45 0.07
CA TRP B 47 -11.92 -16.15 -0.16
C TRP B 47 -13.41 -16.24 0.15
N VAL B 48 -13.93 -15.19 0.78
CA VAL B 48 -15.32 -15.16 1.24
C VAL B 48 -16.14 -14.17 0.43
N SER B 49 -15.67 -12.93 0.31
CA SER B 49 -16.49 -11.89 -0.31
C SER B 49 -15.63 -10.67 -0.61
N THR B 50 -16.00 -9.95 -1.67
CA THR B 50 -15.36 -8.71 -2.07
C THR B 50 -16.42 -7.66 -2.34
N ILE B 51 -16.15 -6.41 -1.95
CA ILE B 51 -17.07 -5.30 -2.16
C ILE B 51 -16.34 -4.17 -2.90
N SER B 52 -17.06 -3.49 -3.78
CA SER B 52 -16.46 -2.46 -4.61
C SER B 52 -16.19 -1.20 -3.79
N PRO B 53 -15.35 -0.28 -4.33
CA PRO B 53 -14.95 0.90 -3.52
C PRO B 53 -16.10 1.69 -2.91
N ILE B 54 -17.15 2.00 -3.66
CA ILE B 54 -18.30 2.70 -3.09
C ILE B 54 -19.45 1.77 -2.74
N GLY B 55 -19.30 0.47 -3.01
CA GLY B 55 -20.30 -0.50 -2.64
C GLY B 55 -21.30 -0.87 -3.71
N THR B 56 -21.11 -0.43 -4.95
CA THR B 56 -22.07 -0.71 -6.01
C THR B 56 -22.20 -2.22 -6.25
N TYR B 57 -21.08 -2.94 -6.22
CA TYR B 57 -21.05 -4.36 -6.52
C TYR B 57 -20.56 -5.15 -5.32
N THR B 58 -21.15 -6.33 -5.13
CA THR B 58 -20.70 -7.28 -4.13
C THR B 58 -20.48 -8.63 -4.81
N TYR B 59 -19.51 -9.38 -4.29
CA TYR B 59 -19.20 -10.71 -4.79
C TYR B 59 -19.04 -11.64 -3.60
N TYR B 60 -19.39 -12.91 -3.80
CA TYR B 60 -19.43 -13.87 -2.71
C TYR B 60 -18.98 -15.23 -3.21
N ALA B 61 -18.36 -15.99 -2.31
CA ALA B 61 -18.13 -17.40 -2.58
C ALA B 61 -19.45 -18.15 -2.52
N ASP B 62 -19.52 -19.27 -3.24
CA ASP B 62 -20.77 -20.00 -3.36
C ASP B 62 -21.30 -20.46 -2.01
N SER B 63 -20.42 -21.01 -1.17
CA SER B 63 -20.84 -21.59 0.11
C SER B 63 -21.39 -20.57 1.09
N VAL B 64 -21.20 -19.28 0.85
CA VAL B 64 -21.63 -18.26 1.79
C VAL B 64 -22.65 -17.30 1.21
N LYS B 65 -22.84 -17.26 -0.12
CA LYS B 65 -23.76 -16.30 -0.72
C LYS B 65 -25.17 -16.49 -0.20
N GLY B 66 -25.83 -15.38 0.10
CA GLY B 66 -27.15 -15.39 0.70
C GLY B 66 -27.14 -15.51 2.21
N ARG B 67 -26.16 -16.22 2.78
CA ARG B 67 -26.02 -16.28 4.23
C ARG B 67 -25.20 -15.10 4.77
N PHE B 68 -24.15 -14.71 4.05
CA PHE B 68 -23.31 -13.61 4.46
C PHE B 68 -23.62 -12.37 3.62
N THR B 69 -23.51 -11.21 4.24
CA THR B 69 -23.72 -9.93 3.56
C THR B 69 -22.56 -9.01 3.90
N ILE B 70 -21.82 -8.60 2.87
CA ILE B 70 -20.74 -7.65 3.04
C ILE B 70 -21.27 -6.25 2.78
N SER B 71 -20.72 -5.29 3.51
CA SER B 71 -21.13 -3.89 3.38
C SER B 71 -20.00 -3.02 3.91
N ARG B 72 -20.06 -1.73 3.59
CA ARG B 72 -19.02 -0.81 4.02
C ARG B 72 -19.64 0.55 4.32
N ASP B 73 -18.94 1.30 5.18
CA ASP B 73 -19.32 2.66 5.56
C ASP B 73 -18.09 3.54 5.35
N ASN B 74 -18.02 4.17 4.18
CA ASN B 74 -16.88 5.03 3.88
C ASN B 74 -16.83 6.25 4.78
N SER B 75 -17.98 6.67 5.33
CA SER B 75 -17.98 7.76 6.30
C SER B 75 -17.18 7.41 7.55
N LYS B 76 -17.10 6.12 7.87
CA LYS B 76 -16.41 5.66 9.07
C LYS B 76 -15.13 4.88 8.75
N ASN B 77 -14.84 4.64 7.48
CA ASN B 77 -13.69 3.83 7.06
C ASN B 77 -13.76 2.43 7.67
N THR B 78 -14.95 1.83 7.61
CA THR B 78 -15.21 0.55 8.25
C THR B 78 -15.84 -0.41 7.24
N LEU B 79 -15.44 -1.67 7.31
CA LEU B 79 -15.96 -2.74 6.47
C LEU B 79 -16.64 -3.77 7.36
N TYR B 80 -17.82 -4.25 6.93
CA TYR B 80 -18.64 -5.13 7.73
C TYR B 80 -18.89 -6.45 7.01
N LEU B 81 -19.07 -7.51 7.80
CA LEU B 81 -19.49 -8.81 7.29
C LEU B 81 -20.56 -9.36 8.23
N GLN B 82 -21.81 -9.32 7.77
CA GLN B 82 -22.95 -9.80 8.54
C GLN B 82 -23.14 -11.29 8.24
N MET B 83 -22.75 -12.14 9.18
CA MET B 83 -22.84 -13.59 9.01
C MET B 83 -24.12 -14.10 9.66
N ASN B 84 -24.99 -14.71 8.87
CA ASN B 84 -26.25 -15.25 9.35
C ASN B 84 -26.26 -16.76 9.14
N SER B 85 -27.00 -17.45 9.99
CA SER B 85 -27.15 -18.91 9.95
C SER B 85 -25.79 -19.61 9.84
N LEU B 86 -24.99 -19.41 10.87
CA LEU B 86 -23.64 -19.97 10.93
C LEU B 86 -23.70 -21.50 10.90
N ARG B 87 -22.68 -22.10 10.28
CA ARG B 87 -22.51 -23.55 10.29
C ARG B 87 -21.17 -23.91 10.91
N ALA B 88 -20.95 -25.21 11.11
CA ALA B 88 -19.71 -25.69 11.69
C ALA B 88 -18.53 -25.51 10.75
N GLU B 89 -18.76 -25.49 9.43
CA GLU B 89 -17.66 -25.24 8.51
C GLU B 89 -17.21 -23.79 8.51
N ASP B 90 -17.98 -22.90 9.13
CA ASP B 90 -17.64 -21.48 9.17
C ASP B 90 -16.60 -21.14 10.22
N THR B 91 -16.26 -22.07 11.11
CA THR B 91 -15.24 -21.80 12.13
C THR B 91 -13.89 -21.63 11.44
N ALA B 92 -13.27 -20.47 11.65
CA ALA B 92 -12.04 -20.09 10.98
C ALA B 92 -11.58 -18.76 11.55
N VAL B 93 -10.33 -18.42 11.28
CA VAL B 93 -9.84 -17.07 11.51
C VAL B 93 -10.23 -16.23 10.31
N TYR B 94 -10.92 -15.12 10.55
CA TYR B 94 -11.41 -14.25 9.49
C TYR B 94 -10.53 -13.02 9.38
N TYR B 95 -10.16 -12.67 8.15
CA TYR B 95 -9.29 -11.53 7.86
C TYR B 95 -9.97 -10.60 6.86
N CYS B 96 -9.94 -9.30 7.14
CA CYS B 96 -10.28 -8.33 6.11
C CYS B 96 -9.03 -8.00 5.29
N ALA B 97 -9.25 -7.64 4.04
CA ALA B 97 -8.16 -7.44 3.09
C ALA B 97 -8.40 -6.19 2.27
N LYS B 98 -7.34 -5.42 2.03
CA LYS B 98 -7.44 -4.21 1.23
C LYS B 98 -7.13 -4.53 -0.22
N GLY B 99 -8.01 -4.11 -1.12
CA GLY B 99 -7.74 -4.27 -2.54
C GLY B 99 -6.50 -3.49 -2.96
N SER B 100 -5.78 -4.04 -3.92
CA SER B 100 -4.49 -3.49 -4.31
C SER B 100 -4.46 -3.19 -5.80
N TYR B 101 -3.87 -2.05 -6.16
CA TYR B 101 -3.62 -1.70 -7.55
C TYR B 101 -2.19 -2.02 -7.96
N SER B 102 -1.43 -2.72 -7.13
CA SER B 102 -0.08 -3.15 -7.50
C SER B 102 -0.14 -4.42 -8.32
N ARG B 103 0.74 -4.50 -9.32
CA ARG B 103 0.84 -5.70 -10.13
C ARG B 103 1.36 -6.87 -9.29
N GLY B 104 0.70 -8.02 -9.42
CA GLY B 104 1.16 -9.24 -8.79
C GLY B 104 0.32 -9.74 -7.65
N THR B 105 -0.72 -9.01 -7.23
CA THR B 105 -1.55 -9.44 -6.12
C THR B 105 -2.89 -8.74 -6.21
N PRO B 106 -3.98 -9.38 -5.76
CA PRO B 106 -5.26 -8.66 -5.65
C PRO B 106 -5.39 -7.88 -4.35
N PHE B 107 -4.65 -8.25 -3.30
CA PHE B 107 -4.63 -7.54 -2.04
C PHE B 107 -3.19 -7.28 -1.64
N ASP B 108 -2.95 -6.17 -0.94
CA ASP B 108 -1.63 -5.90 -0.41
C ASP B 108 -1.58 -5.79 1.11
N TYR B 109 -2.72 -5.86 1.81
CA TYR B 109 -2.73 -5.79 3.25
C TYR B 109 -3.84 -6.66 3.82
N TRP B 110 -3.52 -7.42 4.86
CA TRP B 110 -4.47 -8.20 5.63
C TRP B 110 -4.38 -7.79 7.10
N GLY B 111 -5.52 -7.86 7.79
CA GLY B 111 -5.54 -7.59 9.21
C GLY B 111 -4.93 -8.74 10.01
N GLN B 112 -4.88 -8.56 11.33
CA GLN B 112 -4.33 -9.60 12.18
C GLN B 112 -5.33 -10.72 12.44
N GLY B 113 -6.59 -10.54 12.10
CA GLY B 113 -7.56 -11.62 12.11
C GLY B 113 -8.45 -11.60 13.34
N THR B 114 -9.58 -12.30 13.22
CA THR B 114 -10.49 -12.52 14.33
C THR B 114 -10.98 -13.96 14.28
N LEU B 115 -10.98 -14.63 15.43
CA LEU B 115 -11.29 -16.05 15.50
C LEU B 115 -12.79 -16.24 15.70
N VAL B 116 -13.39 -17.11 14.89
CA VAL B 116 -14.80 -17.45 14.99
C VAL B 116 -14.90 -18.95 15.26
N THR B 117 -15.69 -19.33 16.26
CA THR B 117 -15.97 -20.72 16.57
C THR B 117 -17.48 -20.94 16.55
N VAL B 118 -17.92 -21.95 15.81
CA VAL B 118 -19.32 -22.36 15.77
C VAL B 118 -19.38 -23.76 16.36
N SER B 119 -19.94 -23.87 17.57
CA SER B 119 -20.05 -25.15 18.26
C SER B 119 -21.38 -25.82 17.98
N GLU C 1 1.15 -32.79 3.07
CA GLU C 1 0.54 -31.48 3.26
C GLU C 1 1.61 -30.38 3.18
N VAL C 2 1.15 -29.15 2.93
CA VAL C 2 2.07 -28.05 2.67
C VAL C 2 2.89 -27.76 3.91
N GLN C 3 4.22 -27.66 3.72
CA GLN C 3 5.13 -27.31 4.80
C GLN C 3 6.10 -26.25 4.31
N LEU C 4 6.28 -25.19 5.09
CA LEU C 4 7.16 -24.08 4.74
C LEU C 4 7.96 -23.69 5.96
N LEU C 5 9.27 -23.51 5.78
CA LEU C 5 10.17 -23.18 6.88
C LEU C 5 11.06 -22.01 6.45
N GLU C 6 10.80 -20.84 7.04
CA GLU C 6 11.65 -19.68 6.80
C GLU C 6 12.92 -19.77 7.61
N SER C 7 13.97 -19.13 7.10
CA SER C 7 15.26 -19.10 7.79
C SER C 7 15.96 -17.81 7.39
N GLY C 8 16.83 -17.32 8.29
CA GLY C 8 17.70 -16.19 7.97
C GLY C 8 17.45 -14.93 8.77
N GLY C 9 16.38 -14.82 9.55
CA GLY C 9 16.12 -13.61 10.29
C GLY C 9 17.20 -13.32 11.31
N GLY C 10 17.19 -12.08 11.79
CA GLY C 10 18.16 -11.65 12.77
C GLY C 10 18.07 -10.15 13.01
N LEU C 11 19.07 -9.66 13.73
CA LEU C 11 19.20 -8.24 14.05
C LEU C 11 20.14 -7.59 13.05
N VAL C 12 19.66 -6.53 12.40
CA VAL C 12 20.38 -5.88 11.31
C VAL C 12 20.61 -4.42 11.67
N GLN C 13 21.80 -3.92 11.36
CA GLN C 13 22.08 -2.50 11.49
C GLN C 13 21.47 -1.74 10.32
N PRO C 14 21.15 -0.45 10.50
CA PRO C 14 20.53 0.31 9.40
C PRO C 14 21.39 0.28 8.14
N GLY C 15 20.73 0.17 6.99
CA GLY C 15 21.42 0.07 5.72
C GLY C 15 22.09 -1.26 5.44
N GLY C 16 22.05 -2.21 6.37
CA GLY C 16 22.66 -3.50 6.16
C GLY C 16 21.85 -4.36 5.21
N SER C 17 22.40 -5.55 4.96
CA SER C 17 21.81 -6.51 4.04
C SER C 17 21.49 -7.82 4.78
N LEU C 18 20.46 -8.51 4.29
CA LEU C 18 20.06 -9.78 4.86
C LEU C 18 19.41 -10.63 3.77
N ARG C 19 19.65 -11.93 3.84
CA ARG C 19 19.11 -12.89 2.87
C ARG C 19 18.29 -13.93 3.61
N LEU C 20 17.00 -13.96 3.33
CA LEU C 20 16.11 -14.97 3.88
C LEU C 20 15.97 -16.12 2.91
N SER C 21 15.77 -17.32 3.44
CA SER C 21 15.47 -18.48 2.62
C SER C 21 14.23 -19.17 3.18
N CYS C 22 13.65 -20.04 2.36
CA CYS C 22 12.45 -20.77 2.74
C CYS C 22 12.46 -22.14 2.07
N ALA C 23 12.58 -23.19 2.88
CA ALA C 23 12.49 -24.55 2.39
C ALA C 23 11.02 -24.97 2.34
N ALA C 24 10.60 -25.50 1.20
CA ALA C 24 9.22 -25.90 0.98
C ALA C 24 9.13 -27.41 0.78
N SER C 25 7.94 -27.95 1.06
CA SER C 25 7.68 -29.37 0.87
C SER C 25 6.17 -29.60 0.90
N GLY C 26 5.76 -30.76 0.39
CA GLY C 26 4.37 -31.14 0.41
C GLY C 26 3.55 -30.67 -0.77
N PHE C 27 4.18 -30.20 -1.84
CA PHE C 27 3.48 -29.84 -3.07
C PHE C 27 4.54 -29.69 -4.16
N THR C 28 4.09 -29.75 -5.41
CA THR C 28 5.00 -29.57 -6.53
C THR C 28 5.42 -28.11 -6.58
N PHE C 29 6.69 -27.86 -6.23
CA PHE C 29 7.18 -26.49 -6.08
C PHE C 29 7.03 -25.70 -7.37
N ARG C 30 7.51 -26.25 -8.48
CA ARG C 30 7.54 -25.51 -9.74
C ARG C 30 6.16 -25.25 -10.32
N GLY C 31 5.09 -25.75 -9.69
CA GLY C 31 3.75 -25.51 -10.19
C GLY C 31 3.08 -24.26 -9.71
N TYR C 32 3.68 -23.54 -8.76
CA TYR C 32 3.00 -22.40 -8.13
C TYR C 32 3.92 -21.20 -8.03
N SER C 33 3.30 -20.02 -8.00
CA SER C 33 3.99 -18.82 -7.56
C SER C 33 4.33 -18.94 -6.08
N MET C 34 5.28 -18.11 -5.64
CA MET C 34 5.63 -18.01 -4.24
C MET C 34 5.69 -16.54 -3.86
N ALA C 35 5.42 -16.26 -2.58
CA ALA C 35 5.31 -14.88 -2.13
C ALA C 35 5.93 -14.72 -0.75
N TRP C 36 6.38 -13.50 -0.47
CA TRP C 36 6.79 -13.09 0.87
C TRP C 36 5.80 -12.05 1.39
N VAL C 37 5.34 -12.24 2.63
CA VAL C 37 4.54 -11.27 3.34
C VAL C 37 5.20 -11.04 4.70
N ARG C 38 4.82 -9.94 5.35
CA ARG C 38 5.50 -9.57 6.58
C ARG C 38 4.53 -8.95 7.57
N GLN C 39 4.80 -9.17 8.86
CA GLN C 39 3.99 -8.62 9.94
C GLN C 39 4.84 -7.62 10.72
N ALA C 40 4.53 -6.33 10.56
CA ALA C 40 5.15 -5.29 11.36
C ALA C 40 4.52 -5.24 12.75
N PRO C 41 5.22 -4.68 13.73
CA PRO C 41 4.64 -4.59 15.07
C PRO C 41 3.25 -3.98 15.07
N GLY C 42 2.30 -4.71 15.65
CA GLY C 42 0.93 -4.24 15.79
C GLY C 42 0.06 -4.36 14.56
N LYS C 43 0.55 -4.93 13.46
CA LYS C 43 -0.20 -5.00 12.21
C LYS C 43 -0.51 -6.46 11.87
N GLY C 44 -1.11 -6.66 10.70
CA GLY C 44 -1.43 -7.99 10.24
C GLY C 44 -0.41 -8.53 9.26
N LEU C 45 -0.72 -8.47 7.97
CA LEU C 45 0.18 -8.94 6.92
C LEU C 45 0.27 -7.89 5.82
N GLU C 46 1.49 -7.59 5.40
CA GLU C 46 1.72 -6.74 4.25
C GLU C 46 2.39 -7.56 3.15
N TRP C 47 1.81 -7.53 1.95
CA TRP C 47 2.45 -8.19 0.82
C TRP C 47 3.78 -7.51 0.52
N VAL C 48 4.79 -8.32 0.25
CA VAL C 48 6.14 -7.85 -0.02
C VAL C 48 6.55 -8.09 -1.48
N SER C 49 6.39 -9.33 -1.96
CA SER C 49 6.90 -9.68 -3.27
C SER C 49 6.32 -11.02 -3.69
N THR C 50 6.23 -11.22 -5.01
CA THR C 50 5.72 -12.46 -5.59
C THR C 50 6.61 -12.85 -6.77
N ILE C 51 6.88 -14.14 -6.91
CA ILE C 51 7.66 -14.66 -8.02
C ILE C 51 6.86 -15.76 -8.72
N SER C 52 6.90 -15.76 -10.06
CA SER C 52 6.13 -16.68 -10.87
C SER C 52 6.75 -18.07 -10.83
N PRO C 53 6.02 -19.11 -11.28
CA PRO C 53 6.49 -20.50 -11.07
C PRO C 53 7.92 -20.78 -11.46
N ILE C 54 8.41 -20.24 -12.57
CA ILE C 54 9.80 -20.47 -12.98
C ILE C 54 10.61 -19.18 -12.96
N GLY C 55 10.13 -18.16 -12.27
CA GLY C 55 10.89 -16.93 -12.10
C GLY C 55 10.76 -15.93 -13.22
N THR C 56 9.88 -16.17 -14.20
CA THR C 56 9.70 -15.22 -15.29
C THR C 56 9.35 -13.83 -14.77
N TYR C 57 8.33 -13.74 -13.92
CA TYR C 57 7.82 -12.47 -13.43
C TYR C 57 8.09 -12.35 -11.94
N THR C 58 8.61 -11.19 -11.54
CA THR C 58 8.81 -10.86 -10.14
C THR C 58 8.12 -9.54 -9.85
N TYR C 59 7.36 -9.50 -8.76
CA TYR C 59 6.58 -8.33 -8.37
C TYR C 59 7.00 -7.90 -6.97
N TYR C 60 6.86 -6.60 -6.70
CA TYR C 60 7.29 -6.03 -5.42
C TYR C 60 6.32 -4.96 -4.98
N ALA C 61 6.10 -4.88 -3.67
CA ALA C 61 5.43 -3.72 -3.11
C ALA C 61 6.27 -2.47 -3.35
N ASP C 62 5.59 -1.33 -3.45
CA ASP C 62 6.27 -0.08 -3.79
C ASP C 62 7.42 0.22 -2.82
N SER C 63 7.17 0.04 -1.53
CA SER C 63 8.14 0.42 -0.51
C SER C 63 9.42 -0.41 -0.53
N VAL C 64 9.47 -1.49 -1.30
CA VAL C 64 10.66 -2.34 -1.35
C VAL C 64 11.26 -2.45 -2.75
N LYS C 65 10.62 -1.88 -3.77
CA LYS C 65 11.18 -1.98 -5.12
C LYS C 65 12.56 -1.34 -5.17
N GLY C 66 13.48 -2.01 -5.85
CA GLY C 66 14.86 -1.55 -5.93
C GLY C 66 15.73 -1.93 -4.76
N ARG C 67 15.14 -2.37 -3.65
CA ARG C 67 15.88 -2.79 -2.46
C ARG C 67 15.84 -4.28 -2.23
N PHE C 68 14.71 -4.93 -2.53
CA PHE C 68 14.57 -6.37 -2.34
C PHE C 68 14.65 -7.09 -3.68
N THR C 69 15.21 -8.30 -3.65
CA THR C 69 15.18 -9.20 -4.80
C THR C 69 14.62 -10.54 -4.34
N ILE C 70 13.55 -10.98 -4.99
CA ILE C 70 13.00 -12.31 -4.76
C ILE C 70 13.57 -13.25 -5.81
N SER C 71 13.78 -14.50 -5.42
CA SER C 71 14.31 -15.51 -6.33
C SER C 71 13.93 -16.88 -5.80
N ARG C 72 14.06 -17.89 -6.68
CA ARG C 72 13.72 -19.26 -6.33
C ARG C 72 14.67 -20.21 -7.02
N ASP C 73 14.94 -21.33 -6.35
CA ASP C 73 15.71 -22.44 -6.92
C ASP C 73 14.78 -23.65 -6.91
N ASN C 74 14.14 -23.91 -8.06
CA ASN C 74 13.16 -24.99 -8.12
C ASN C 74 13.80 -26.36 -7.91
N SER C 75 15.08 -26.50 -8.26
CA SER C 75 15.76 -27.77 -8.05
C SER C 75 15.96 -28.09 -6.57
N LYS C 76 15.78 -27.12 -5.68
CA LYS C 76 15.89 -27.35 -4.24
C LYS C 76 14.62 -27.03 -3.48
N ASN C 77 13.55 -26.60 -4.15
CA ASN C 77 12.29 -26.23 -3.51
C ASN C 77 12.52 -25.14 -2.45
N THR C 78 13.27 -24.12 -2.82
CA THR C 78 13.68 -23.08 -1.90
C THR C 78 13.39 -21.70 -2.48
N LEU C 79 12.85 -20.82 -1.64
CA LEU C 79 12.58 -19.43 -2.00
C LEU C 79 13.54 -18.52 -1.27
N TYR C 80 13.95 -17.44 -1.93
CA TYR C 80 14.92 -16.51 -1.35
C TYR C 80 14.37 -15.09 -1.39
N LEU C 81 14.76 -14.30 -0.39
CA LEU C 81 14.51 -12.87 -0.38
C LEU C 81 15.81 -12.17 -0.02
N GLN C 82 16.38 -11.46 -0.97
CA GLN C 82 17.58 -10.66 -0.75
C GLN C 82 17.16 -9.25 -0.36
N MET C 83 17.51 -8.82 0.85
CA MET C 83 17.05 -7.55 1.40
C MET C 83 18.24 -6.62 1.57
N ASN C 84 18.25 -5.51 0.84
CA ASN C 84 19.32 -4.54 0.91
C ASN C 84 18.79 -3.20 1.43
N SER C 85 19.72 -2.38 1.94
CA SER C 85 19.41 -1.03 2.41
C SER C 85 18.27 -1.02 3.41
N LEU C 86 18.34 -1.94 4.38
CA LEU C 86 17.25 -2.11 5.33
C LEU C 86 17.08 -0.86 6.18
N ARG C 87 15.82 -0.51 6.45
CA ARG C 87 15.46 0.61 7.32
C ARG C 87 14.66 0.09 8.50
N ALA C 88 14.48 0.96 9.51
CA ALA C 88 13.73 0.58 10.70
C ALA C 88 12.32 0.10 10.35
N GLU C 89 11.70 0.72 9.35
CA GLU C 89 10.35 0.35 8.95
C GLU C 89 10.28 -1.04 8.31
N ASP C 90 11.41 -1.65 7.97
CA ASP C 90 11.41 -3.02 7.47
C ASP C 90 11.36 -4.06 8.59
N THR C 91 11.34 -3.63 9.84
CA THR C 91 11.29 -4.56 10.98
C THR C 91 9.95 -5.27 10.99
N ALA C 92 9.99 -6.60 10.94
CA ALA C 92 8.78 -7.41 10.80
C ALA C 92 9.14 -8.88 10.87
N VAL C 93 8.14 -9.70 11.18
CA VAL C 93 8.22 -11.12 10.87
C VAL C 93 8.03 -11.28 9.37
N TYR C 94 8.92 -12.05 8.74
CA TYR C 94 8.83 -12.29 7.31
C TYR C 94 8.36 -13.72 7.08
N TYR C 95 7.31 -13.87 6.27
CA TYR C 95 6.64 -15.15 6.08
C TYR C 95 6.80 -15.63 4.65
N CYS C 96 7.19 -16.89 4.50
CA CYS C 96 7.10 -17.60 3.22
C CYS C 96 5.65 -17.97 2.95
N ALA C 97 5.25 -17.95 1.68
CA ALA C 97 3.85 -18.23 1.35
C ALA C 97 3.73 -18.94 0.00
N LYS C 98 2.94 -20.01 -0.03
CA LYS C 98 2.70 -20.76 -1.26
C LYS C 98 1.59 -20.09 -2.07
N GLY C 99 1.90 -19.73 -3.31
CA GLY C 99 0.93 -19.05 -4.15
C GLY C 99 -0.25 -19.94 -4.53
N SER C 100 -1.29 -19.27 -5.01
CA SER C 100 -2.49 -19.95 -5.47
C SER C 100 -3.09 -19.17 -6.63
N TYR C 101 -3.85 -19.86 -7.46
CA TYR C 101 -4.57 -19.24 -8.56
C TYR C 101 -6.03 -18.97 -8.24
N SER C 102 -6.53 -19.47 -7.11
CA SER C 102 -7.93 -19.29 -6.76
C SER C 102 -8.24 -17.82 -6.53
N ARG C 103 -9.50 -17.45 -6.79
CA ARG C 103 -9.92 -16.08 -6.67
C ARG C 103 -9.75 -15.57 -5.25
N GLY C 104 -9.24 -14.34 -5.12
CA GLY C 104 -9.10 -13.71 -3.82
C GLY C 104 -8.10 -14.36 -2.88
N THR C 105 -7.31 -15.32 -3.36
CA THR C 105 -6.30 -15.98 -2.54
C THR C 105 -5.00 -16.08 -3.32
N PRO C 106 -4.21 -14.99 -3.36
CA PRO C 106 -2.90 -15.08 -4.02
C PRO C 106 -1.98 -16.09 -3.38
N PHE C 107 -2.19 -16.40 -2.09
CA PHE C 107 -1.50 -17.50 -1.42
C PHE C 107 -2.52 -18.18 -0.50
N ASP C 108 -2.35 -19.48 -0.29
CA ASP C 108 -3.26 -20.21 0.58
C ASP C 108 -2.59 -20.75 1.85
N TYR C 109 -1.27 -20.86 1.87
CA TYR C 109 -0.55 -21.24 3.08
C TYR C 109 0.63 -20.30 3.28
N TRP C 110 0.92 -19.98 4.53
CA TRP C 110 2.16 -19.27 4.86
C TRP C 110 2.79 -19.88 6.10
N GLY C 111 4.10 -19.71 6.20
CA GLY C 111 4.91 -20.48 7.13
C GLY C 111 4.96 -19.93 8.54
N GLN C 112 5.98 -20.39 9.28
CA GLN C 112 6.11 -20.02 10.68
C GLN C 112 6.50 -18.55 10.83
N GLY C 113 7.45 -18.09 10.03
CA GLY C 113 7.91 -16.71 10.08
C GLY C 113 9.28 -16.61 10.73
N THR C 114 10.14 -15.79 10.13
CA THR C 114 11.45 -15.48 10.71
C THR C 114 11.50 -13.98 10.97
N LEU C 115 11.93 -13.61 12.18
CA LEU C 115 11.86 -12.23 12.64
C LEU C 115 13.10 -11.47 12.21
N VAL C 116 12.90 -10.30 11.60
CA VAL C 116 13.99 -9.40 11.22
C VAL C 116 13.76 -8.07 11.93
N THR C 117 14.77 -7.62 12.67
CA THR C 117 14.72 -6.32 13.34
C THR C 117 15.84 -5.45 12.83
N VAL C 118 15.52 -4.20 12.53
CA VAL C 118 16.50 -3.20 12.10
C VAL C 118 16.70 -2.23 13.25
N SER C 119 17.93 -2.19 13.76
CA SER C 119 18.24 -1.26 14.84
C SER C 119 18.12 0.18 14.35
N SER C 120 17.97 1.10 15.29
CA SER C 120 17.80 2.50 14.95
C SER C 120 19.10 3.28 15.15
C10 L6E D . 2.67 13.87 16.30
N12 L6E D . 4.20 16.76 18.00
C13 L6E D . 4.14 18.21 18.08
C15 L6E D . 2.14 18.00 19.59
C21 L6E D . -2.24 22.01 21.07
C01 L6E D . 1.82 11.68 15.42
C02 L6E D . 2.40 10.33 15.02
C03 L6E D . 2.99 9.64 16.23
C04 L6E D . 4.26 10.35 16.71
C05 L6E D . 4.03 11.85 16.82
C06 L6E D . 2.85 12.49 16.19
C08 L6E D . 4.79 13.91 17.62
C09 L6E D . 3.62 14.61 17.01
C11 L6E D . 3.46 16.09 17.13
C14 L6E D . 3.48 18.70 19.37
C16 L6E D . 1.28 18.73 20.59
C18 L6E D . -1.12 19.42 20.82
C19 L6E D . -1.10 20.37 19.66
N07 L6E D . 4.92 12.58 17.48
N20 L6E D . -1.49 21.63 19.87
O17 L6E D . -0.14 18.40 20.65
O22 L6E D . 5.64 14.56 18.24
O23 L6E D . 2.64 16.65 16.43
O24 L6E D . 1.73 19.55 21.36
O25 L6E D . -0.74 19.98 18.55
ZN ZN E . -20.53 -37.04 -19.94
ZN ZN F . -17.82 -28.58 -28.65
ZN ZN G . -13.17 -8.49 -11.98
ZN ZN H . -2.48 2.86 -16.47
ZN ZN I . 12.76 7.74 14.32
ZN ZN J . 13.49 24.11 14.09
ZN ZN K . 21.78 24.32 23.27
ZN ZN L . -5.79 23.99 11.64
S SO4 M . 21.22 24.21 10.56
O1 SO4 M . 22.44 23.45 10.87
O2 SO4 M . 20.07 23.31 10.58
O3 SO4 M . 21.06 25.24 11.59
O4 SO4 M . 21.32 24.82 9.25
S SO4 N . 6.98 24.01 20.73
O1 SO4 N . 6.44 24.00 19.38
O2 SO4 N . 6.32 22.97 21.53
O3 SO4 N . 8.42 23.74 20.68
O4 SO4 N . 6.75 25.31 21.36
CL CL O . -1.84 -8.32 -11.34
S SO4 P . -17.72 1.18 -7.73
O1 SO4 P . -17.44 0.00 -8.53
O2 SO4 P . -18.24 0.79 -6.43
O3 SO4 P . -16.49 1.94 -7.54
O4 SO4 P . -18.70 2.02 -8.41
CL CL Q . -3.88 6.22 -0.59
#